data_5QHI
#
_entry.id   5QHI
#
_cell.length_a   37.470
_cell.length_b   74.220
_cell.length_c   63.050
_cell.angle_alpha   90.000
_cell.angle_beta   96.290
_cell.angle_gamma   90.000
#
_symmetry.space_group_name_H-M   'P 1 21 1'
#
loop_
_entity.id
_entity.type
_entity.pdbx_description
1 polymer 'Protein FAM83B'
2 non-polymer 'IODIDE ION'
3 non-polymer 1,2-ETHANEDIOL
4 non-polymer 'ethyl 1~{H}-pyrazole-4-carboxylate'
5 water water
#
_entity_poly.entity_id   1
_entity_poly.type   'polypeptide(L)'
_entity_poly.pdbx_seq_one_letter_code
;SMGGTHIDLLFHPPRAHLLTIKETIRKMIKEARKVIALVMDIFTDVDIFKEIVEASTRGVSVYILLDESNFNHFLNMTEK
QGCSVQRLRNIRVRTVKGQDYLSKTGAKFHGKMEQKFLLVDCQKVMYGSYSYMWSFEKAHLSMVQIITGQLVESFDEEFR
TLYARSCVPSSFAQEESARV
;
_entity_poly.pdbx_strand_id   A,B
#
loop_
_chem_comp.id
_chem_comp.type
_chem_comp.name
_chem_comp.formula
EDO non-polymer 1,2-ETHANEDIOL 'C2 H6 O2'
GOJ non-polymer 'ethyl 1~{H}-pyrazole-4-carboxylate' 'C6 H8 N2 O2'
IOD non-polymer 'IODIDE ION' 'I -1'
#
# COMPACT_ATOMS: atom_id res chain seq x y z
N GLY A 4 -21.37 -8.52 -5.78
CA GLY A 4 -22.13 -7.23 -5.81
C GLY A 4 -21.27 -6.06 -5.31
N THR A 5 -20.02 -5.96 -5.79
CA THR A 5 -19.08 -4.90 -5.39
C THR A 5 -18.72 -4.08 -6.63
N HIS A 6 -18.76 -2.74 -6.58
CA HIS A 6 -18.20 -1.91 -7.65
C HIS A 6 -16.88 -1.26 -7.18
N ILE A 7 -15.88 -1.30 -8.04
CA ILE A 7 -14.56 -0.73 -7.78
C ILE A 7 -14.12 0.12 -8.95
N ASP A 8 -13.73 1.38 -8.67
CA ASP A 8 -13.07 2.28 -9.63
C ASP A 8 -11.62 2.51 -9.19
N LEU A 9 -10.75 2.85 -10.14
CA LEU A 9 -9.33 3.26 -9.79
C LEU A 9 -9.09 4.72 -9.97
N LEU A 10 -8.24 5.32 -9.11
CA LEU A 10 -7.76 6.67 -9.28
C LEU A 10 -6.25 6.64 -9.04
N PHE A 11 -5.55 7.55 -9.72
CA PHE A 11 -4.12 7.64 -9.64
C PHE A 11 -3.65 9.01 -9.21
N HIS A 12 -2.42 9.06 -8.65
CA HIS A 12 -1.71 10.37 -8.50
C HIS A 12 -0.28 10.24 -9.01
N PRO A 13 0.15 11.13 -9.96
CA PRO A 13 -0.60 12.20 -10.55
C PRO A 13 -1.89 11.64 -11.27
N PRO A 14 -2.92 12.44 -11.43
CA PRO A 14 -4.16 11.95 -12.05
C PRO A 14 -4.03 11.57 -13.54
N ARG A 15 -4.88 10.65 -13.98
CA ARG A 15 -4.87 10.14 -15.37
C ARG A 15 -6.11 10.70 -16.02
N ALA A 16 -7.08 9.91 -16.46
CA ALA A 16 -8.23 10.48 -17.18
C ALA A 16 -9.33 11.09 -16.32
N HIS A 17 -9.35 10.76 -15.05
CA HIS A 17 -10.37 11.18 -14.12
C HIS A 17 -10.26 12.64 -13.70
N LEU A 18 -11.42 13.23 -13.43
CA LEU A 18 -11.56 14.69 -13.15
C LEU A 18 -10.87 15.16 -11.87
N LEU A 19 -11.11 14.43 -10.77
CA LEU A 19 -10.62 14.82 -9.45
C LEU A 19 -9.28 14.17 -9.09
N THR A 20 -8.47 14.86 -8.28
CA THR A 20 -7.31 14.21 -7.70
C THR A 20 -7.78 13.26 -6.56
N ILE A 21 -6.86 12.37 -6.17
CA ILE A 21 -7.07 11.51 -4.95
C ILE A 21 -7.37 12.41 -3.75
N LYS A 22 -6.57 13.46 -3.52
CA LYS A 22 -6.82 14.38 -2.36
C LYS A 22 -8.18 15.07 -2.45
N GLU A 23 -8.60 15.50 -3.65
CA GLU A 23 -9.95 16.12 -3.80
C GLU A 23 -11.09 15.08 -3.54
N THR A 24 -10.82 13.81 -3.83
CA THR A 24 -11.84 12.74 -3.66
C THR A 24 -11.91 12.39 -2.12
N ILE A 25 -10.77 12.46 -1.39
CA ILE A 25 -10.75 12.27 0.07
C ILE A 25 -11.62 13.35 0.68
N ARG A 26 -11.41 14.62 0.29
CA ARG A 26 -12.16 15.74 0.88
C ARG A 26 -13.68 15.51 0.62
N LYS A 27 -14.03 15.17 -0.60
CA LYS A 27 -15.42 14.85 -0.93
C LYS A 27 -16.06 13.79 -0.09
N MET A 28 -15.36 12.67 0.08
CA MET A 28 -15.84 11.58 0.92
C MET A 28 -16.11 12.01 2.40
N ILE A 29 -15.23 12.82 3.00
CA ILE A 29 -15.40 13.37 4.31
C ILE A 29 -16.57 14.37 4.39
N LYS A 30 -16.72 15.25 3.41
CA LYS A 30 -17.80 16.24 3.42
C LYS A 30 -19.17 15.56 3.28
N GLU A 31 -19.21 14.42 2.60
CA GLU A 31 -20.47 13.63 2.38
C GLU A 31 -20.81 12.71 3.57
N ALA A 32 -19.91 12.58 4.57
CA ALA A 32 -20.24 11.82 5.83
C ALA A 32 -21.45 12.35 6.60
N ARG A 33 -22.38 11.47 6.87
CA ARG A 33 -23.61 11.78 7.61
C ARG A 33 -23.55 11.30 9.07
N LYS A 34 -22.92 10.15 9.35
CA LYS A 34 -22.94 9.48 10.69
C LYS A 34 -21.55 9.19 11.29
N VAL A 35 -20.66 8.55 10.55
CA VAL A 35 -19.43 8.02 11.08
C VAL A 35 -18.31 8.03 10.01
N ILE A 36 -17.10 8.42 10.42
CA ILE A 36 -15.92 8.26 9.64
C ILE A 36 -14.92 7.35 10.39
N ALA A 37 -14.40 6.33 9.68
CA ALA A 37 -13.35 5.39 10.18
C ALA A 37 -12.09 5.44 9.32
N LEU A 38 -10.95 5.85 9.90
CA LEU A 38 -9.74 6.03 9.09
C LEU A 38 -8.60 5.18 9.71
N VAL A 39 -7.89 4.43 8.87
CA VAL A 39 -6.66 3.75 9.25
C VAL A 39 -5.52 4.31 8.37
N MET A 40 -4.44 4.78 9.00
CA MET A 40 -3.44 5.55 8.27
C MET A 40 -2.08 5.44 8.90
N ASP A 41 -1.05 5.34 8.07
CA ASP A 41 0.29 5.23 8.60
C ASP A 41 0.97 6.52 9.01
N ILE A 42 0.89 7.58 8.20
CA ILE A 42 1.41 8.91 8.55
C ILE A 42 0.38 9.94 8.13
N PHE A 43 0.03 10.84 9.05
CA PHE A 43 -1.02 11.87 8.78
C PHE A 43 -0.49 13.22 9.20
N THR A 44 0.03 13.97 8.24
CA THR A 44 0.47 15.35 8.43
C THR A 44 -0.21 16.42 7.48
N ASP A 45 -1.17 16.03 6.63
CA ASP A 45 -1.81 16.94 5.67
C ASP A 45 -2.87 17.80 6.38
N VAL A 46 -2.61 19.09 6.45
CA VAL A 46 -3.46 20.02 7.21
C VAL A 46 -4.86 20.20 6.63
N ASP A 47 -4.97 20.17 5.31
CA ASP A 47 -6.24 20.37 4.65
C ASP A 47 -7.22 19.21 4.92
N ILE A 48 -6.73 17.99 4.87
CA ILE A 48 -7.55 16.80 5.20
C ILE A 48 -7.87 16.82 6.70
N PHE A 49 -6.92 17.20 7.56
CA PHE A 49 -7.26 17.32 8.99
C PHE A 49 -8.40 18.34 9.24
N LYS A 50 -8.33 19.52 8.57
CA LYS A 50 -9.36 20.53 8.72
C LYS A 50 -10.73 19.96 8.30
N GLU A 51 -10.81 19.16 7.25
CA GLU A 51 -12.10 18.54 6.86
C GLU A 51 -12.65 17.60 7.92
N ILE A 52 -11.77 16.83 8.53
CA ILE A 52 -12.16 15.90 9.57
C ILE A 52 -12.71 16.66 10.79
N VAL A 53 -12.01 17.69 11.23
CA VAL A 53 -12.48 18.51 12.34
C VAL A 53 -13.86 19.15 12.01
N GLU A 54 -14.01 19.71 10.82
CA GLU A 54 -15.31 20.28 10.40
C GLU A 54 -16.48 19.26 10.41
N ALA A 55 -16.22 18.05 9.96
CA ALA A 55 -17.17 16.93 10.10
C ALA A 55 -17.54 16.64 11.57
N SER A 56 -16.55 16.60 12.45
CA SER A 56 -16.83 16.34 13.84
C SER A 56 -17.69 17.43 14.52
N THR A 57 -17.51 18.69 14.10
CA THR A 57 -18.30 19.81 14.63
C THR A 57 -19.76 19.74 14.22
N ARG A 58 -20.06 19.07 13.12
CA ARG A 58 -21.47 18.88 12.73
C ARG A 58 -22.07 17.61 13.20
N GLY A 59 -21.36 16.91 14.07
CA GLY A 59 -21.91 15.76 14.77
C GLY A 59 -21.51 14.39 14.29
N VAL A 60 -20.60 14.32 13.31
CA VAL A 60 -20.17 13.04 12.77
C VAL A 60 -19.19 12.45 13.79
N SER A 61 -19.33 11.18 14.12
CA SER A 61 -18.36 10.51 15.03
C SER A 61 -17.11 10.10 14.23
N VAL A 62 -15.91 10.43 14.72
CA VAL A 62 -14.70 10.18 13.94
C VAL A 62 -13.76 9.27 14.79
N TYR A 63 -13.32 8.18 14.18
CA TYR A 63 -12.44 7.19 14.78
C TYR A 63 -11.18 7.07 13.93
N ILE A 64 -10.02 7.45 14.48
CA ILE A 64 -8.78 7.46 13.74
C ILE A 64 -7.77 6.48 14.34
N LEU A 65 -7.21 5.57 13.52
CA LEU A 65 -6.17 4.56 13.89
C LEU A 65 -4.89 4.85 13.13
N LEU A 66 -3.86 5.24 13.88
CA LEU A 66 -2.56 5.61 13.33
C LEU A 66 -1.46 4.61 13.72
N ASP A 67 -0.56 4.33 12.83
CA ASP A 67 0.64 3.57 13.16
C ASP A 67 1.42 4.17 14.36
N GLU A 68 1.73 3.34 15.34
CA GLU A 68 2.23 3.85 16.62
C GLU A 68 3.62 4.52 16.41
N SER A 69 4.46 3.92 15.60
CA SER A 69 5.81 4.45 15.42
C SER A 69 5.83 5.85 14.72
N ASN A 70 4.77 6.21 13.98
CA ASN A 70 4.67 7.53 13.31
C ASN A 70 3.70 8.51 13.97
N PHE A 71 3.16 8.20 15.15
CA PHE A 71 2.16 9.07 15.76
C PHE A 71 2.61 10.49 16.04
N ASN A 72 3.85 10.66 16.50
CA ASN A 72 4.31 12.00 16.80
C ASN A 72 4.29 12.95 15.57
N HIS A 73 4.45 12.45 14.35
CA HIS A 73 4.26 13.38 13.18
C HIS A 73 2.82 14.03 13.14
N PHE A 74 1.75 13.25 13.41
CA PHE A 74 0.41 13.77 13.55
C PHE A 74 0.24 14.77 14.69
N LEU A 75 0.75 14.42 15.86
CA LEU A 75 0.67 15.28 17.01
C LEU A 75 1.38 16.60 16.75
N ASN A 76 2.56 16.54 16.11
CA ASN A 76 3.31 17.77 15.80
C ASN A 76 2.54 18.67 14.86
N MET A 77 1.79 18.08 13.90
CA MET A 77 0.95 18.84 12.98
C MET A 77 -0.23 19.52 13.67
N THR A 78 -0.93 18.80 14.54
CA THR A 78 -2.13 19.34 15.15
C THR A 78 -1.73 20.51 16.12
N GLU A 79 -0.63 20.37 16.82
CA GLU A 79 -0.16 21.47 17.73
C GLU A 79 0.25 22.71 16.94
N LYS A 80 0.89 22.55 15.80
CA LYS A 80 1.24 23.73 14.96
C LYS A 80 0.03 24.48 14.44
N GLN A 81 -1.07 23.77 14.24
CA GLN A 81 -2.30 24.36 13.79
C GLN A 81 -3.09 24.98 14.93
N GLY A 82 -2.56 24.95 16.14
CA GLY A 82 -3.26 25.48 17.34
C GLY A 82 -4.45 24.65 17.79
N CYS A 83 -4.42 23.33 17.58
CA CYS A 83 -5.52 22.43 17.95
C CYS A 83 -5.02 21.41 18.96
N SER A 84 -5.65 21.39 20.15
CA SER A 84 -5.48 20.31 21.10
C SER A 84 -6.53 19.23 20.74
N VAL A 85 -6.12 18.26 19.94
CA VAL A 85 -7.08 17.30 19.36
C VAL A 85 -7.77 16.40 20.40
N GLN A 86 -7.05 16.15 21.48
CA GLN A 86 -7.59 15.46 22.63
C GLN A 86 -8.73 16.14 23.34
N ARG A 87 -8.98 17.43 23.07
CA ARG A 87 -10.20 18.09 23.59
C ARG A 87 -11.46 17.90 22.75
N LEU A 88 -11.34 17.31 21.56
CA LEU A 88 -12.54 17.18 20.67
C LEU A 88 -13.23 15.86 20.95
N ARG A 89 -14.35 15.92 21.62
CA ARG A 89 -14.99 14.71 22.08
C ARG A 89 -15.57 13.80 20.98
N ASN A 90 -15.88 14.34 19.79
CA ASN A 90 -16.41 13.51 18.70
C ASN A 90 -15.32 12.81 17.89
N ILE A 91 -14.04 13.08 18.18
CA ILE A 91 -12.91 12.38 17.54
C ILE A 91 -12.19 11.50 18.59
N ARG A 92 -11.98 10.20 18.27
CA ARG A 92 -11.13 9.34 19.07
C ARG A 92 -9.93 8.90 18.24
N VAL A 93 -8.71 9.22 18.69
CA VAL A 93 -7.46 8.83 18.01
C VAL A 93 -6.74 7.77 18.87
N ARG A 94 -6.42 6.62 18.28
CA ARG A 94 -5.75 5.52 18.93
C ARG A 94 -4.63 4.98 18.01
N THR A 95 -3.65 4.27 18.58
CA THR A 95 -2.49 3.77 17.86
C THR A 95 -2.50 2.24 17.75
N VAL A 96 -1.94 1.75 16.64
CA VAL A 96 -1.74 0.32 16.43
C VAL A 96 -0.28 -0.01 16.17
N LYS A 97 0.21 -1.07 16.83
CA LYS A 97 1.55 -1.63 16.65
C LYS A 97 1.53 -2.81 15.65
N GLY A 98 2.68 -2.97 14.98
CA GLY A 98 3.01 -4.19 14.22
C GLY A 98 3.33 -5.35 15.19
N GLN A 99 4.03 -6.34 14.70
CA GLN A 99 4.30 -7.55 15.47
C GLN A 99 5.49 -7.24 16.41
N ASP A 100 5.55 -7.95 17.53
CA ASP A 100 6.68 -7.94 18.46
C ASP A 100 7.73 -8.92 17.91
N TYR A 101 8.98 -8.52 17.93
CA TYR A 101 10.03 -9.40 17.46
C TYR A 101 11.31 -8.99 18.18
N LEU A 102 12.27 -9.89 18.13
CA LEU A 102 13.49 -9.78 18.92
C LEU A 102 14.60 -9.63 17.91
N SER A 103 15.41 -8.59 18.07
CA SER A 103 16.58 -8.42 17.19
C SER A 103 17.72 -9.28 17.70
N LYS A 104 18.71 -9.51 16.84
CA LYS A 104 19.89 -10.34 17.16
C LYS A 104 20.77 -9.76 18.30
N THR A 105 20.59 -8.48 18.60
CA THR A 105 21.17 -7.90 19.80
C THR A 105 20.30 -8.09 21.06
N GLY A 106 19.10 -8.67 20.89
CA GLY A 106 18.26 -9.15 22.00
C GLY A 106 17.18 -8.19 22.48
N ALA A 107 17.34 -6.90 22.17
CA ALA A 107 16.31 -5.90 22.41
C ALA A 107 15.00 -6.29 21.68
N LYS A 108 13.87 -6.15 22.37
CA LYS A 108 12.57 -6.40 21.77
C LYS A 108 12.08 -5.11 21.13
N PHE A 109 11.62 -5.21 19.88
CA PHE A 109 11.02 -4.11 19.13
C PHE A 109 9.67 -4.56 18.56
N HIS A 110 8.93 -3.59 18.03
CA HIS A 110 7.77 -3.90 17.23
C HIS A 110 7.88 -3.18 15.86
N GLY A 111 7.22 -3.75 14.87
CA GLY A 111 7.19 -3.19 13.54
C GLY A 111 5.96 -2.30 13.38
N LYS A 112 5.48 -2.16 12.15
CA LYS A 112 4.48 -1.13 11.82
C LYS A 112 3.20 -1.75 11.31
N MET A 113 2.11 -1.02 11.44
CA MET A 113 0.82 -1.29 10.77
C MET A 113 0.93 -0.69 9.37
N GLU A 114 1.01 -1.54 8.35
CA GLU A 114 1.13 -1.08 6.97
C GLU A 114 -0.25 -1.28 6.29
N GLN A 115 -1.16 -0.35 6.55
CA GLN A 115 -2.58 -0.50 6.18
C GLN A 115 -3.13 0.92 6.06
N LYS A 116 -3.88 1.18 5.02
CA LYS A 116 -4.27 2.54 4.69
C LYS A 116 -5.69 2.47 4.08
N PHE A 117 -6.71 2.94 4.81
CA PHE A 117 -8.11 3.01 4.25
C PHE A 117 -8.99 4.00 5.02
N LEU A 118 -9.94 4.53 4.26
CA LEU A 118 -10.96 5.48 4.74
C LEU A 118 -12.32 4.80 4.51
N LEU A 119 -13.09 4.62 5.58
CA LEU A 119 -14.43 3.95 5.57
C LEU A 119 -15.50 4.96 6.12
N VAL A 120 -16.46 5.33 5.27
CA VAL A 120 -17.45 6.35 5.58
C VAL A 120 -18.86 5.78 5.62
N ASP A 121 -19.56 6.04 6.72
CA ASP A 121 -20.92 5.55 7.00
C ASP A 121 -21.11 4.04 6.77
N CYS A 122 -20.07 3.26 7.08
CA CYS A 122 -20.05 1.81 6.86
C CYS A 122 -20.50 1.40 5.44
N GLN A 123 -20.24 2.27 4.45
CA GLN A 123 -20.87 2.22 3.11
C GLN A 123 -19.98 2.47 1.86
N LYS A 124 -18.84 3.13 2.05
CA LYS A 124 -17.94 3.52 0.97
C LYS A 124 -16.51 3.52 1.53
N VAL A 125 -15.58 2.91 0.77
CA VAL A 125 -14.16 2.81 1.12
C VAL A 125 -13.22 3.37 0.07
N MET A 126 -12.16 4.06 0.51
CA MET A 126 -11.04 4.35 -0.34
C MET A 126 -9.87 3.55 0.27
N TYR A 127 -9.29 2.67 -0.55
CA TYR A 127 -8.22 1.76 -0.19
C TYR A 127 -7.07 1.87 -1.16
N GLY A 128 -5.82 1.98 -0.67
CA GLY A 128 -4.73 2.00 -1.58
C GLY A 128 -3.43 2.46 -0.94
N SER A 129 -2.52 2.93 -1.78
CA SER A 129 -1.12 3.27 -1.33
C SER A 129 -0.87 4.75 -1.01
N TYR A 130 -1.90 5.58 -1.10
CA TYR A 130 -1.77 7.02 -0.82
C TYR A 130 -1.75 7.30 0.71
N SER A 131 -0.68 7.93 1.25
CA SER A 131 -0.66 8.38 2.67
C SER A 131 -0.92 9.90 2.72
N TYR A 132 -1.40 10.37 3.88
CA TYR A 132 -1.88 11.76 3.99
C TYR A 132 -0.71 12.69 4.41
N MET A 133 0.18 12.94 3.48
CA MET A 133 1.39 13.74 3.71
C MET A 133 1.84 14.39 2.40
N TRP A 134 2.65 15.44 2.51
N TRP A 134 2.67 15.42 2.54
CA TRP A 134 3.03 16.26 1.35
CA TRP A 134 3.11 16.27 1.44
C TRP A 134 3.75 15.45 0.26
C TRP A 134 3.75 15.47 0.29
N SER A 135 4.52 14.45 0.64
CA SER A 135 5.30 13.67 -0.32
C SER A 135 4.39 12.90 -1.33
N PHE A 136 3.23 12.47 -0.89
CA PHE A 136 2.26 11.86 -1.81
C PHE A 136 1.56 12.82 -2.79
N GLU A 137 1.59 14.14 -2.53
CA GLU A 137 1.15 15.14 -3.52
C GLU A 137 2.25 15.48 -4.54
N LYS A 138 3.45 15.79 -4.01
CA LYS A 138 4.55 16.33 -4.85
C LYS A 138 5.57 15.33 -5.47
N ALA A 139 5.81 14.23 -4.80
CA ALA A 139 6.98 13.36 -5.06
C ALA A 139 6.60 11.99 -5.63
N HIS A 140 5.60 11.33 -5.06
CA HIS A 140 5.42 9.91 -5.29
C HIS A 140 4.35 9.62 -6.36
N LEU A 141 4.43 8.41 -6.94
CA LEU A 141 3.28 7.81 -7.73
C LEU A 141 2.47 6.89 -6.81
N SER A 142 1.14 7.05 -6.77
CA SER A 142 0.30 6.16 -5.98
C SER A 142 -1.05 5.89 -6.68
N MET A 143 -1.83 5.03 -6.08
CA MET A 143 -3.15 4.65 -6.62
C MET A 143 -4.10 4.27 -5.46
N VAL A 144 -5.44 4.51 -5.64
CA VAL A 144 -6.43 3.98 -4.71
C VAL A 144 -7.59 3.33 -5.52
N GLN A 145 -8.30 2.47 -4.83
CA GLN A 145 -9.66 1.99 -5.22
C GLN A 145 -10.74 2.78 -4.48
N ILE A 146 -11.86 3.04 -5.19
CA ILE A 146 -13.08 3.50 -4.56
C ILE A 146 -14.09 2.33 -4.65
N ILE A 147 -14.53 1.91 -3.48
CA ILE A 147 -15.25 0.64 -3.29
C ILE A 147 -16.62 0.88 -2.70
N THR A 148 -17.64 0.31 -3.35
CA THR A 148 -19.01 0.26 -2.79
C THR A 148 -19.55 -1.16 -2.94
N GLY A 149 -20.56 -1.47 -2.16
CA GLY A 149 -21.21 -2.83 -2.22
C GLY A 149 -20.74 -3.78 -1.16
N GLN A 150 -20.79 -5.06 -1.48
CA GLN A 150 -20.59 -6.12 -0.44
C GLN A 150 -19.21 -6.12 0.20
N LEU A 151 -18.16 -5.89 -0.59
CA LEU A 151 -16.79 -5.81 -0.02
C LEU A 151 -16.60 -4.82 1.15
N VAL A 152 -17.41 -3.77 1.19
CA VAL A 152 -17.33 -2.79 2.25
C VAL A 152 -17.51 -3.48 3.60
N GLU A 153 -18.43 -4.43 3.68
CA GLU A 153 -18.61 -5.19 4.94
C GLU A 153 -17.33 -5.81 5.48
N SER A 154 -16.44 -6.27 4.61
CA SER A 154 -15.17 -6.86 5.07
C SER A 154 -14.17 -5.82 5.61
N PHE A 155 -14.24 -4.61 5.05
CA PHE A 155 -13.44 -3.46 5.58
C PHE A 155 -13.98 -3.01 6.96
N ASP A 156 -15.28 -3.09 7.12
CA ASP A 156 -15.96 -2.77 8.37
C ASP A 156 -15.55 -3.75 9.45
N GLU A 157 -15.58 -5.05 9.15
CA GLU A 157 -15.09 -6.08 10.14
C GLU A 157 -13.61 -5.83 10.53
N GLU A 158 -12.76 -5.61 9.52
CA GLU A 158 -11.33 -5.37 9.79
C GLU A 158 -11.09 -4.11 10.61
N PHE A 159 -11.81 -3.02 10.32
CA PHE A 159 -11.76 -1.86 11.20
C PHE A 159 -12.09 -2.16 12.66
N ARG A 160 -13.14 -2.92 12.91
CA ARG A 160 -13.52 -3.27 14.28
C ARG A 160 -12.44 -4.11 15.00
N THR A 161 -11.81 -5.02 14.24
CA THR A 161 -10.73 -5.86 14.72
C THR A 161 -9.47 -5.00 15.09
N LEU A 162 -9.12 -4.01 14.26
CA LEU A 162 -7.95 -3.11 14.58
C LEU A 162 -8.29 -2.17 15.75
N TYR A 163 -9.53 -1.71 15.78
CA TYR A 163 -9.95 -0.85 16.87
C TYR A 163 -9.85 -1.63 18.22
N ALA A 164 -10.23 -2.90 18.20
CA ALA A 164 -10.13 -3.73 19.46
C ALA A 164 -8.67 -3.84 19.94
N ARG A 165 -7.74 -3.99 18.99
CA ARG A 165 -6.30 -4.12 19.24
C ARG A 165 -5.61 -2.79 19.62
N SER A 166 -6.19 -1.67 19.17
CA SER A 166 -5.54 -0.36 19.30
C SER A 166 -5.50 0.14 20.75
N CYS A 167 -4.52 1.02 20.99
CA CYS A 167 -4.29 1.62 22.29
C CYS A 167 -4.44 3.16 22.31
N VAL A 168 -4.75 3.73 23.48
CA VAL A 168 -4.71 5.19 23.64
C VAL A 168 -3.25 5.63 23.51
N PRO A 169 -2.95 6.73 22.78
CA PRO A 169 -1.54 7.09 22.58
C PRO A 169 -0.87 7.50 23.90
N SER A 170 0.36 7.08 24.11
CA SER A 170 1.03 7.36 25.37
C SER A 170 1.16 8.84 25.75
N SER A 171 1.38 9.71 24.77
CA SER A 171 1.32 11.18 24.99
C SER A 171 0.05 11.64 25.65
N PHE A 172 -1.06 10.96 25.36
CA PHE A 172 -2.33 11.30 25.97
C PHE A 172 -2.39 10.49 27.26
N GLY B 4 -19.04 -7.93 -12.19
CA GLY B 4 -18.32 -9.21 -12.55
C GLY B 4 -16.85 -9.17 -12.09
N THR B 5 -16.63 -8.78 -10.83
CA THR B 5 -15.28 -8.85 -10.16
C THR B 5 -15.40 -9.59 -8.80
N HIS B 6 -14.55 -10.60 -8.54
CA HIS B 6 -14.55 -11.27 -7.26
C HIS B 6 -13.24 -10.99 -6.48
N ILE B 7 -13.35 -10.81 -5.17
CA ILE B 7 -12.27 -10.34 -4.32
C ILE B 7 -12.33 -11.12 -3.02
N ASP B 8 -11.16 -11.64 -2.59
CA ASP B 8 -10.94 -12.23 -1.28
C ASP B 8 -9.83 -11.45 -0.57
N LEU B 9 -9.88 -11.32 0.75
CA LEU B 9 -8.85 -10.63 1.51
C LEU B 9 -7.99 -11.66 2.23
N LEU B 10 -6.69 -11.37 2.33
CA LEU B 10 -5.78 -12.15 3.17
C LEU B 10 -4.94 -11.16 3.99
N PHE B 11 -4.55 -11.60 5.18
CA PHE B 11 -3.77 -10.82 6.14
C PHE B 11 -2.48 -11.50 6.53
N HIS B 12 -1.49 -10.67 6.91
CA HIS B 12 -0.32 -11.20 7.66
C HIS B 12 -0.08 -10.38 8.94
N PRO B 13 0.00 -11.04 10.12
CA PRO B 13 -0.14 -12.47 10.36
C PRO B 13 -1.52 -12.94 9.89
N PRO B 14 -1.65 -14.18 9.52
CA PRO B 14 -2.89 -14.72 8.99
C PRO B 14 -4.08 -14.74 9.95
N ARG B 15 -5.27 -14.69 9.39
CA ARG B 15 -6.53 -14.71 10.13
C ARG B 15 -7.26 -16.03 9.94
N ALA B 16 -8.47 -16.04 9.38
CA ALA B 16 -9.24 -17.25 9.17
C ALA B 16 -9.14 -17.69 7.69
N HIS B 17 -7.93 -17.85 7.21
CA HIS B 17 -7.66 -18.41 5.90
C HIS B 17 -6.55 -19.45 6.08
N LEU B 18 -6.53 -20.47 5.24
CA LEU B 18 -5.54 -21.60 5.39
C LEU B 18 -4.08 -21.25 5.09
N LEU B 19 -3.87 -20.48 4.03
CA LEU B 19 -2.53 -20.14 3.59
C LEU B 19 -2.07 -18.76 4.02
N THR B 20 -0.76 -18.59 4.26
CA THR B 20 -0.19 -17.27 4.41
C THR B 20 -0.18 -16.47 3.05
N ILE B 21 0.06 -15.16 3.17
CA ILE B 21 0.28 -14.30 2.00
C ILE B 21 1.45 -14.89 1.19
N LYS B 22 2.60 -15.16 1.82
CA LYS B 22 3.76 -15.66 1.05
C LYS B 22 3.50 -16.99 0.37
N GLU B 23 2.83 -17.93 1.06
CA GLU B 23 2.38 -19.19 0.38
C GLU B 23 1.44 -18.99 -0.84
N THR B 24 0.56 -18.01 -0.74
CA THR B 24 -0.37 -17.69 -1.85
C THR B 24 0.39 -17.06 -3.04
N ILE B 25 1.45 -16.25 -2.77
CA ILE B 25 2.28 -15.65 -3.82
C ILE B 25 3.00 -16.84 -4.56
N ARG B 26 3.51 -17.81 -3.79
CA ARG B 26 4.28 -18.92 -4.38
C ARG B 26 3.30 -19.71 -5.26
N LYS B 27 2.11 -19.95 -4.75
CA LYS B 27 1.07 -20.65 -5.53
C LYS B 27 0.77 -19.99 -6.85
N MET B 28 0.53 -18.67 -6.83
CA MET B 28 0.23 -17.90 -8.06
C MET B 28 1.33 -18.04 -9.08
N ILE B 29 2.59 -17.96 -8.63
CA ILE B 29 3.71 -18.06 -9.53
C ILE B 29 3.84 -19.49 -10.14
N LYS B 30 3.63 -20.52 -9.30
CA LYS B 30 3.64 -21.90 -9.75
C LYS B 30 2.54 -22.23 -10.71
N GLU B 31 1.42 -21.54 -10.57
CA GLU B 31 0.28 -21.76 -11.45
C GLU B 31 0.40 -20.98 -12.79
N ALA B 32 1.40 -20.12 -12.96
CA ALA B 32 1.51 -19.34 -14.19
C ALA B 32 1.86 -20.24 -15.43
N ARG B 33 1.18 -20.05 -16.53
CA ARG B 33 1.35 -20.84 -17.77
C ARG B 33 2.05 -20.04 -18.85
N LYS B 34 1.83 -18.70 -18.89
CA LYS B 34 2.37 -17.86 -19.99
C LYS B 34 3.17 -16.63 -19.59
N VAL B 35 2.63 -15.82 -18.67
N VAL B 35 2.65 -15.84 -18.65
CA VAL B 35 3.20 -14.51 -18.31
CA VAL B 35 3.27 -14.56 -18.31
C VAL B 35 3.03 -14.20 -16.82
C VAL B 35 3.02 -14.14 -16.85
N ILE B 36 4.06 -13.58 -16.24
CA ILE B 36 4.00 -12.99 -14.91
C ILE B 36 4.48 -11.51 -15.02
N ALA B 37 3.69 -10.57 -14.49
CA ALA B 37 3.98 -9.16 -14.44
C ALA B 37 3.98 -8.73 -12.94
N LEU B 38 5.09 -8.17 -12.45
CA LEU B 38 5.20 -7.80 -11.06
C LEU B 38 5.63 -6.35 -10.97
N VAL B 39 4.96 -5.55 -10.12
CA VAL B 39 5.39 -4.23 -9.67
C VAL B 39 5.66 -4.28 -8.16
N MET B 40 6.84 -3.85 -7.69
CA MET B 40 7.18 -4.03 -6.30
C MET B 40 8.15 -2.96 -5.89
N ASP B 41 8.03 -2.42 -4.68
CA ASP B 41 8.98 -1.41 -4.25
C ASP B 41 10.34 -1.91 -3.74
N ILE B 42 10.32 -3.01 -2.97
CA ILE B 42 11.53 -3.65 -2.46
C ILE B 42 11.37 -5.17 -2.59
N PHE B 43 12.37 -5.83 -3.18
CA PHE B 43 12.34 -7.26 -3.43
C PHE B 43 13.68 -7.86 -3.00
N THR B 44 13.71 -8.39 -1.78
CA THR B 44 14.87 -9.12 -1.29
C THR B 44 14.54 -10.56 -0.79
N ASP B 45 13.29 -11.04 -0.91
CA ASP B 45 12.94 -12.44 -0.50
C ASP B 45 13.46 -13.51 -1.44
N VAL B 46 14.37 -14.35 -0.95
CA VAL B 46 15.04 -15.31 -1.74
C VAL B 46 14.09 -16.42 -2.19
N ASP B 47 13.16 -16.84 -1.36
CA ASP B 47 12.24 -17.89 -1.73
C ASP B 47 11.28 -17.48 -2.86
N ILE B 48 10.76 -16.25 -2.82
CA ILE B 48 9.91 -15.80 -3.96
C ILE B 48 10.75 -15.67 -5.26
N PHE B 49 11.97 -15.13 -5.13
CA PHE B 49 12.91 -15.06 -6.28
C PHE B 49 13.16 -16.44 -6.95
N LYS B 50 13.42 -17.46 -6.11
CA LYS B 50 13.59 -18.81 -6.61
C LYS B 50 12.36 -19.30 -7.40
N GLU B 51 11.15 -19.03 -6.93
CA GLU B 51 9.95 -19.44 -7.67
C GLU B 51 9.88 -18.75 -9.03
N ILE B 52 10.29 -17.47 -9.08
CA ILE B 52 10.21 -16.71 -10.36
C ILE B 52 11.21 -17.28 -11.35
N VAL B 53 12.47 -17.47 -10.91
CA VAL B 53 13.42 -18.10 -11.77
C VAL B 53 12.97 -19.47 -12.27
N GLU B 54 12.46 -20.33 -11.40
CA GLU B 54 11.93 -21.61 -11.87
C GLU B 54 10.84 -21.52 -12.96
N ALA B 55 9.91 -20.61 -12.75
CA ALA B 55 8.91 -20.28 -13.78
C ALA B 55 9.51 -19.85 -15.15
N SER B 56 10.52 -19.01 -15.14
CA SER B 56 11.15 -18.58 -16.36
C SER B 56 11.86 -19.78 -17.11
N THR B 57 12.39 -20.74 -16.34
CA THR B 57 13.05 -21.94 -16.91
C THR B 57 12.03 -22.85 -17.60
N ARG B 58 10.79 -22.76 -17.16
CA ARG B 58 9.63 -23.43 -17.78
C ARG B 58 9.13 -22.78 -19.05
N GLY B 59 9.65 -21.63 -19.40
CA GLY B 59 9.24 -20.89 -20.56
C GLY B 59 8.24 -19.76 -20.28
N VAL B 60 7.93 -19.49 -19.01
CA VAL B 60 7.05 -18.34 -18.70
C VAL B 60 7.81 -17.03 -18.95
N SER B 61 7.20 -16.05 -19.59
CA SER B 61 7.84 -14.72 -19.72
C SER B 61 7.58 -13.91 -18.44
N VAL B 62 8.63 -13.31 -17.88
CA VAL B 62 8.56 -12.61 -16.60
C VAL B 62 9.03 -11.16 -16.78
N TYR B 63 8.15 -10.22 -16.42
CA TYR B 63 8.43 -8.76 -16.47
C TYR B 63 8.32 -8.20 -15.05
N ILE B 64 9.42 -7.61 -14.55
CA ILE B 64 9.51 -7.12 -13.19
C ILE B 64 9.86 -5.62 -13.21
N LEU B 65 9.01 -4.80 -12.56
CA LEU B 65 9.15 -3.36 -12.42
C LEU B 65 9.43 -3.02 -10.95
N LEU B 66 10.62 -2.42 -10.69
CA LEU B 66 11.12 -2.14 -9.33
C LEU B 66 11.30 -0.65 -9.14
N ASP B 67 10.96 -0.18 -7.94
CA ASP B 67 11.20 1.20 -7.60
C ASP B 67 12.69 1.50 -7.76
N GLU B 68 13.00 2.63 -8.36
CA GLU B 68 14.34 2.91 -8.72
C GLU B 68 15.33 3.06 -7.54
N SER B 69 14.94 3.80 -6.51
N SER B 69 14.93 3.82 -6.52
CA SER B 69 15.82 4.07 -5.37
CA SER B 69 15.77 4.07 -5.34
C SER B 69 16.18 2.83 -4.54
C SER B 69 16.21 2.80 -4.62
N ASN B 70 15.34 1.80 -4.60
CA ASN B 70 15.59 0.53 -3.92
C ASN B 70 16.15 -0.59 -4.78
N PHE B 71 16.44 -0.36 -6.05
CA PHE B 71 16.84 -1.42 -6.95
C PHE B 71 18.11 -2.25 -6.56
N ASN B 72 19.16 -1.60 -6.05
CA ASN B 72 20.37 -2.31 -5.74
C ASN B 72 20.21 -3.34 -4.60
N HIS B 73 19.23 -3.17 -3.71
CA HIS B 73 18.90 -4.22 -2.71
C HIS B 73 18.43 -5.53 -3.41
N PHE B 74 17.61 -5.40 -4.46
CA PHE B 74 17.30 -6.54 -5.29
C PHE B 74 18.56 -7.15 -5.97
N LEU B 75 19.35 -6.34 -6.67
CA LEU B 75 20.50 -6.87 -7.37
C LEU B 75 21.52 -7.53 -6.43
N ASN B 76 21.77 -6.91 -5.27
CA ASN B 76 22.60 -7.55 -4.25
C ASN B 76 22.14 -8.91 -3.82
N MET B 77 20.83 -9.11 -3.66
CA MET B 77 20.29 -10.41 -3.28
C MET B 77 20.50 -11.48 -4.36
N THR B 78 20.22 -11.12 -5.63
CA THR B 78 20.42 -12.08 -6.70
C THR B 78 21.94 -12.46 -6.77
N GLU B 79 22.82 -11.49 -6.58
CA GLU B 79 24.25 -11.83 -6.62
C GLU B 79 24.69 -12.74 -5.45
N LYS B 80 24.20 -12.51 -4.23
CA LYS B 80 24.56 -13.37 -3.11
C LYS B 80 23.98 -14.79 -3.26
N GLN B 81 22.91 -14.93 -4.02
CA GLN B 81 22.42 -16.24 -4.43
C GLN B 81 23.18 -16.95 -5.57
N GLY B 82 24.25 -16.37 -6.12
CA GLY B 82 25.00 -16.98 -7.25
C GLY B 82 24.34 -16.84 -8.60
N CYS B 83 23.36 -15.94 -8.73
CA CYS B 83 22.62 -15.75 -9.95
C CYS B 83 23.09 -14.48 -10.65
N SER B 84 23.23 -14.57 -11.96
CA SER B 84 23.47 -13.37 -12.77
C SER B 84 22.17 -13.14 -13.52
N VAL B 85 21.31 -12.30 -12.90
CA VAL B 85 19.94 -12.14 -13.36
C VAL B 85 19.88 -11.54 -14.77
N GLN B 86 20.86 -10.68 -15.10
CA GLN B 86 21.12 -10.17 -16.47
C GLN B 86 21.12 -11.20 -17.56
N ARG B 87 21.62 -12.40 -17.27
CA ARG B 87 21.68 -13.50 -18.27
C ARG B 87 20.39 -14.31 -18.48
N LEU B 88 19.34 -14.08 -17.68
CA LEU B 88 18.12 -14.89 -17.83
C LEU B 88 17.22 -14.21 -18.83
N ARG B 89 17.22 -14.73 -20.05
CA ARG B 89 16.55 -14.06 -21.16
C ARG B 89 15.03 -13.95 -21.00
N ASN B 90 14.41 -14.88 -20.26
CA ASN B 90 12.97 -14.92 -20.17
C ASN B 90 12.52 -13.93 -19.09
N ILE B 91 13.47 -13.30 -18.34
CA ILE B 91 13.10 -12.25 -17.36
C ILE B 91 13.62 -10.87 -17.84
N ARG B 92 12.74 -9.86 -17.87
CA ARG B 92 13.19 -8.45 -18.05
C ARG B 92 12.91 -7.67 -16.74
N VAL B 93 13.93 -7.07 -16.12
CA VAL B 93 13.85 -6.25 -14.95
C VAL B 93 14.13 -4.81 -15.33
N ARG B 94 13.20 -3.87 -15.01
CA ARG B 94 13.35 -2.45 -15.30
C ARG B 94 12.94 -1.62 -14.08
N THR B 95 13.35 -0.36 -14.02
CA THR B 95 13.08 0.46 -12.84
C THR B 95 12.06 1.53 -13.21
N VAL B 96 11.29 1.95 -12.19
CA VAL B 96 10.40 3.09 -12.30
C VAL B 96 10.64 4.12 -11.19
N LYS B 97 10.63 5.41 -11.60
CA LYS B 97 10.80 6.60 -10.75
C LYS B 97 9.41 7.24 -10.53
N GLY B 98 9.21 7.84 -9.33
CA GLY B 98 8.17 8.84 -9.04
C GLY B 98 8.33 10.17 -9.78
N GLN B 99 7.72 11.22 -9.25
CA GLN B 99 7.68 12.50 -9.93
C GLN B 99 9.06 13.22 -9.68
N ASP B 100 9.50 14.02 -10.62
CA ASP B 100 10.62 14.98 -10.31
C ASP B 100 10.16 16.16 -9.44
N TYR B 101 10.98 16.59 -8.50
CA TYR B 101 10.60 17.71 -7.69
C TYR B 101 11.80 18.46 -7.14
N LEU B 102 11.52 19.67 -6.66
CA LEU B 102 12.55 20.54 -6.01
C LEU B 102 12.38 20.58 -4.48
N SER B 103 13.46 20.38 -3.74
CA SER B 103 13.36 20.42 -2.31
C SER B 103 13.36 21.87 -1.83
N LYS B 104 13.06 22.01 -0.53
CA LYS B 104 13.21 23.25 0.29
C LYS B 104 14.45 24.06 -0.09
N THR B 105 15.56 23.37 -0.35
CA THR B 105 16.82 24.06 -0.68
C THR B 105 17.05 24.24 -2.16
N GLY B 106 16.04 23.90 -2.97
CA GLY B 106 16.18 23.85 -4.44
C GLY B 106 16.92 22.68 -5.12
N ALA B 107 17.20 21.58 -4.43
CA ALA B 107 17.83 20.42 -5.06
C ALA B 107 16.73 19.65 -5.83
N LYS B 108 17.15 18.98 -6.90
CA LYS B 108 16.35 18.21 -7.83
C LYS B 108 16.35 16.74 -7.34
N PHE B 109 15.20 16.15 -7.01
CA PHE B 109 15.17 14.75 -6.56
C PHE B 109 13.95 14.12 -7.30
N HIS B 110 13.79 12.81 -7.13
CA HIS B 110 12.56 12.15 -7.63
C HIS B 110 12.05 11.32 -6.50
N GLY B 111 10.74 11.10 -6.51
CA GLY B 111 10.12 10.31 -5.49
C GLY B 111 10.06 8.84 -5.89
N LYS B 112 9.13 8.15 -5.27
CA LYS B 112 9.08 6.71 -5.29
C LYS B 112 7.81 6.20 -6.02
N MET B 113 7.93 5.10 -6.71
CA MET B 113 6.72 4.32 -7.17
C MET B 113 6.16 3.57 -5.96
N GLU B 114 5.05 4.05 -5.39
CA GLU B 114 4.40 3.35 -4.29
C GLU B 114 3.23 2.49 -4.90
N GLN B 115 3.53 1.32 -5.39
CA GLN B 115 2.57 0.48 -6.08
C GLN B 115 3.13 -0.91 -5.92
N LYS B 116 2.23 -1.81 -5.57
CA LYS B 116 2.58 -3.17 -5.67
C LYS B 116 1.52 -4.16 -5.89
N PHE B 117 1.81 -4.94 -6.92
CA PHE B 117 0.87 -5.97 -7.39
C PHE B 117 1.56 -7.01 -8.26
N LEU B 118 0.95 -8.21 -8.25
CA LEU B 118 1.37 -9.38 -9.01
C LEU B 118 0.21 -9.71 -9.95
N LEU B 119 0.49 -9.77 -11.26
CA LEU B 119 -0.53 -10.05 -12.31
C LEU B 119 -0.07 -11.27 -13.15
N VAL B 120 -0.88 -12.36 -13.15
CA VAL B 120 -0.50 -13.63 -13.74
C VAL B 120 -1.48 -14.04 -14.82
N ASP B 121 -0.94 -14.37 -15.97
CA ASP B 121 -1.70 -14.76 -17.17
C ASP B 121 -2.83 -13.84 -17.57
N CYS B 122 -2.65 -12.54 -17.34
CA CYS B 122 -3.68 -11.54 -17.59
C CYS B 122 -5.05 -11.90 -16.98
N GLN B 123 -5.05 -12.66 -15.88
CA GLN B 123 -6.31 -13.13 -15.26
C GLN B 123 -6.46 -13.16 -13.77
N LYS B 124 -5.40 -12.90 -13.01
CA LYS B 124 -5.51 -12.92 -11.56
C LYS B 124 -4.47 -11.94 -11.00
N VAL B 125 -4.88 -11.16 -9.98
CA VAL B 125 -4.04 -10.13 -9.38
C VAL B 125 -4.01 -10.32 -7.84
N MET B 126 -2.86 -10.09 -7.25
CA MET B 126 -2.73 -9.88 -5.80
C MET B 126 -2.24 -8.45 -5.67
N TYR B 127 -3.05 -7.60 -4.98
CA TYR B 127 -2.83 -6.20 -4.81
C TYR B 127 -2.88 -5.82 -3.30
N GLY B 128 -1.90 -5.03 -2.77
CA GLY B 128 -1.97 -4.70 -1.38
C GLY B 128 -0.69 -4.11 -0.82
N SER B 129 -0.55 -4.20 0.49
CA SER B 129 0.52 -3.49 1.22
C SER B 129 1.74 -4.35 1.57
N TYR B 130 1.69 -5.62 1.22
CA TYR B 130 2.81 -6.60 1.49
C TYR B 130 3.97 -6.39 0.47
N SER B 131 5.18 -6.04 0.95
CA SER B 131 6.41 -6.02 0.16
C SER B 131 7.22 -7.31 0.35
N TYR B 132 8.00 -7.68 -0.69
CA TYR B 132 8.73 -8.97 -0.69
C TYR B 132 10.07 -8.83 0.04
N MET B 133 10.01 -8.68 1.37
CA MET B 133 11.21 -8.56 2.21
C MET B 133 10.92 -9.15 3.62
N TRP B 134 12.00 -9.45 4.34
CA TRP B 134 11.95 -10.11 5.66
C TRP B 134 11.06 -9.37 6.63
N SER B 135 11.11 -8.05 6.64
CA SER B 135 10.30 -7.29 7.62
C SER B 135 8.75 -7.55 7.51
N PHE B 136 8.27 -7.77 6.29
CA PHE B 136 6.88 -8.14 6.10
C PHE B 136 6.49 -9.50 6.58
N GLU B 137 7.44 -10.43 6.74
CA GLU B 137 7.14 -11.70 7.37
C GLU B 137 7.12 -11.60 8.95
N LYS B 138 8.07 -10.85 9.51
CA LYS B 138 8.39 -10.92 10.96
C LYS B 138 7.98 -9.74 11.81
N ALA B 139 7.88 -8.57 11.19
CA ALA B 139 7.73 -7.33 11.92
C ALA B 139 6.41 -6.61 11.66
N HIS B 140 5.86 -6.67 10.45
CA HIS B 140 4.71 -5.76 10.14
C HIS B 140 3.37 -6.50 10.04
N LEU B 141 2.29 -5.74 10.13
CA LEU B 141 0.95 -6.18 9.76
C LEU B 141 0.67 -5.65 8.34
N SER B 142 0.09 -6.51 7.50
CA SER B 142 -0.23 -6.09 6.17
C SER B 142 -1.45 -6.88 5.68
N MET B 143 -1.93 -6.52 4.49
CA MET B 143 -3.12 -7.17 3.88
C MET B 143 -2.99 -7.17 2.35
N VAL B 144 -3.64 -8.14 1.69
CA VAL B 144 -3.74 -8.14 0.21
C VAL B 144 -5.15 -8.59 -0.20
N GLN B 145 -5.50 -8.23 -1.46
CA GLN B 145 -6.67 -8.69 -2.13
C GLN B 145 -6.21 -9.67 -3.21
N ILE B 146 -7.01 -10.75 -3.42
CA ILE B 146 -6.83 -11.63 -4.55
C ILE B 146 -8.05 -11.31 -5.47
N ILE B 147 -7.79 -10.92 -6.73
CA ILE B 147 -8.82 -10.31 -7.58
C ILE B 147 -8.91 -11.13 -8.84
N THR B 148 -10.14 -11.51 -9.23
CA THR B 148 -10.40 -12.07 -10.55
C THR B 148 -11.60 -11.37 -11.20
N GLY B 149 -11.76 -11.55 -12.51
CA GLY B 149 -12.84 -10.87 -13.24
C GLY B 149 -12.45 -9.55 -13.90
N GLN B 150 -13.45 -8.69 -14.15
CA GLN B 150 -13.23 -7.52 -15.01
C GLN B 150 -12.17 -6.54 -14.54
N LEU B 151 -12.09 -6.31 -13.23
CA LEU B 151 -11.06 -5.38 -12.72
C LEU B 151 -9.64 -5.74 -13.10
N VAL B 152 -9.36 -7.02 -13.31
CA VAL B 152 -8.06 -7.47 -13.75
C VAL B 152 -7.62 -6.71 -15.01
N GLU B 153 -8.53 -6.47 -15.96
CA GLU B 153 -8.22 -5.62 -17.16
C GLU B 153 -7.63 -4.25 -16.85
N SER B 154 -8.10 -3.63 -15.80
CA SER B 154 -7.56 -2.34 -15.37
C SER B 154 -6.16 -2.42 -14.86
N PHE B 155 -5.85 -3.48 -14.13
CA PHE B 155 -4.41 -3.74 -13.72
C PHE B 155 -3.47 -4.05 -14.89
N ASP B 156 -3.97 -4.77 -15.88
CA ASP B 156 -3.22 -5.03 -17.13
C ASP B 156 -2.91 -3.73 -17.89
N GLU B 157 -3.89 -2.81 -17.99
CA GLU B 157 -3.64 -1.51 -18.63
C GLU B 157 -2.59 -0.71 -17.84
N GLU B 158 -2.76 -0.64 -16.52
CA GLU B 158 -1.78 0.10 -15.72
C GLU B 158 -0.37 -0.50 -15.80
N PHE B 159 -0.27 -1.83 -15.83
CA PHE B 159 1.07 -2.46 -16.00
C PHE B 159 1.71 -2.02 -17.35
N ARG B 160 0.95 -2.05 -18.43
CA ARG B 160 1.48 -1.57 -19.73
C ARG B 160 1.96 -0.12 -19.69
N THR B 161 1.17 0.75 -19.01
CA THR B 161 1.52 2.16 -18.91
C THR B 161 2.83 2.29 -18.09
N LEU B 162 2.94 1.58 -16.98
CA LEU B 162 4.18 1.66 -16.16
C LEU B 162 5.40 1.04 -16.91
N TYR B 163 5.14 -0.01 -17.69
CA TYR B 163 6.25 -0.65 -18.49
C TYR B 163 6.77 0.34 -19.54
N ALA B 164 5.85 1.15 -20.13
CA ALA B 164 6.27 2.19 -21.08
C ALA B 164 7.17 3.26 -20.46
N ARG B 165 6.86 3.66 -19.22
CA ARG B 165 7.62 4.63 -18.43
C ARG B 165 8.94 4.15 -17.92
N SER B 166 9.00 2.87 -17.60
CA SER B 166 10.16 2.23 -17.00
C SER B 166 11.45 2.30 -17.86
N CYS B 167 12.61 2.27 -17.15
CA CYS B 167 13.94 2.30 -17.70
C CYS B 167 14.82 1.05 -17.43
N VAL B 168 15.82 0.81 -18.31
CA VAL B 168 16.84 -0.22 -17.99
C VAL B 168 17.59 0.26 -16.75
N PRO B 169 17.81 -0.62 -15.76
CA PRO B 169 18.48 -0.14 -14.57
C PRO B 169 19.90 0.41 -14.83
N SER B 170 20.22 1.56 -14.25
CA SER B 170 21.56 2.18 -14.34
C SER B 170 22.69 1.24 -13.89
N SER B 171 22.42 0.42 -12.86
CA SER B 171 23.39 -0.57 -12.39
C SER B 171 23.81 -1.60 -13.44
N PHE B 172 22.97 -1.82 -14.47
CA PHE B 172 23.28 -2.78 -15.54
C PHE B 172 24.17 -2.22 -16.64
I IOD C . -16.82 18.06 -2.51
I IOD D . 7.85 9.91 2.40
I IOD E . -7.48 23.08 13.55
I IOD F . -5.07 1.45 26.17
C1 EDO G . -7.96 9.57 23.04
O1 EDO G . -7.76 8.33 22.34
C2 EDO G . -8.73 10.67 22.31
O2 EDO G . -8.28 11.04 20.98
C1 EDO H . 0.42 5.62 -10.11
O1 EDO H . 0.22 6.26 -11.38
C2 EDO H . 1.31 4.32 -10.16
O2 EDO H . 0.60 3.12 -10.55
C1 EDO I . -4.05 -4.92 9.04
O1 EDO I . -5.38 -4.82 8.41
C2 EDO I . -3.32 -6.16 8.53
O2 EDO I . -3.28 -7.40 9.30
C1 EDO J . -7.12 6.18 2.03
O1 EDO J . -7.89 7.46 1.78
C2 EDO J . -6.32 5.51 0.89
O2 EDO J . -4.84 5.27 0.88
C1 EDO K . -16.14 -2.44 -12.18
O1 EDO K . -15.99 -2.77 -10.80
C2 EDO K . -15.73 -3.62 -13.06
O2 EDO K . -15.97 -4.89 -12.43
N1 GOJ L . -17.32 0.89 10.99
C4 GOJ L . -16.78 2.58 12.41
C5 GOJ L . -16.91 0.35 12.15
N GOJ L . -17.23 2.23 11.17
C GOJ L . -14.56 2.20 16.73
O GOJ L . -16.19 2.32 15.14
C1 GOJ L . -15.97 2.35 16.52
C2 GOJ L . -16.24 1.15 14.47
C3 GOJ L . -16.58 1.38 13.08
O1 GOJ L . -15.96 0.10 15.01
C1 EDO M . 17.38 -5.87 -18.65
O1 EDO M . 16.36 -4.90 -18.35
C2 EDO M . 16.95 -7.27 -18.46
O2 EDO M . 16.76 -7.64 -17.08
N1 GOJ N . 0.10 -7.99 -18.90
C4 GOJ N . 2.29 -8.57 -19.05
C5 GOJ N . 0.73 -7.04 -19.63
N GOJ N . 1.05 -8.90 -18.57
C GOJ N . 5.64 -6.53 -22.35
O GOJ N . 4.38 -6.96 -20.34
C1 GOJ N . 5.48 -6.19 -20.89
C2 GOJ N . 3.10 -6.52 -20.41
C3 GOJ N . 2.13 -7.36 -19.75
O1 GOJ N . 2.86 -5.50 -21.00
#